data_4KLV
#
_entry.id   4KLV
#
_cell.length_a   57.340
_cell.length_b   76.486
_cell.length_c   39.336
_cell.angle_alpha   90.00
_cell.angle_beta   90.00
_cell.angle_gamma   90.00
#
_symmetry.space_group_name_H-M   'P 21 21 2'
#
loop_
_entity.id
_entity.type
_entity.pdbx_description
1 polymer 'Uncharacterized protein'
2 non-polymer 'SULFATE ION'
3 non-polymer 1,2-ETHANEDIOL
4 non-polymer '4-methylumbelliferyl phosphate'
5 water water
#
_entity_poly.entity_id   1
_entity_poly.type   'polypeptide(L)'
_entity_poly.pdbx_seq_one_letter_code
;GHMQLSHRPAETGDLETVAGFPQDRDELFYCYPKAIWPFSVAQLAAAIAERRGSTVAVHDGQVLGFANFYQWQHGDFCAL
GNMMVAPAARGLGVARYLIGVMENLAREQYKARLMKISCFNANAAGLLLYTQLGYQPRAIAERHDPDGRRVALIQMDKPL
EP
;
_entity_poly.pdbx_strand_id   A
#
# COMPACT_ATOMS: atom_id res chain seq x y z
N MET A 3 20.76 -1.56 1.16
CA MET A 3 19.50 -0.84 1.58
C MET A 3 19.41 -0.58 3.08
N GLN A 4 19.51 0.70 3.43
CA GLN A 4 19.39 1.14 4.83
CA GLN A 4 19.40 1.17 4.81
C GLN A 4 18.08 1.94 5.00
N LEU A 5 17.00 1.20 5.24
CA LEU A 5 15.67 1.81 5.29
C LEU A 5 15.25 2.29 6.66
N SER A 6 14.55 3.42 6.71
CA SER A 6 13.89 3.96 7.89
C SER A 6 12.47 4.36 7.55
N HIS A 7 11.66 4.68 8.53
CA HIS A 7 10.30 5.06 8.28
C HIS A 7 9.87 6.20 9.18
N ARG A 8 8.84 6.92 8.77
CA ARG A 8 8.21 7.95 9.57
C ARG A 8 6.82 8.25 9.03
N PRO A 9 5.96 8.90 9.79
CA PRO A 9 4.68 9.30 9.23
C PRO A 9 4.92 10.21 8.00
N ALA A 10 4.02 10.09 7.04
CA ALA A 10 4.05 10.94 5.86
C ALA A 10 3.80 12.37 6.29
N GLU A 11 4.42 13.30 5.56
CA GLU A 11 4.34 14.73 5.79
C GLU A 11 3.90 15.42 4.49
N THR A 12 3.36 16.62 4.61
N THR A 12 3.34 16.62 4.58
CA THR A 12 2.99 17.43 3.45
CA THR A 12 2.89 17.34 3.37
C THR A 12 4.06 17.50 2.42
C THR A 12 4.04 17.52 2.40
N GLY A 13 5.28 17.69 2.89
CA GLY A 13 6.40 17.83 1.99
C GLY A 13 6.71 16.60 1.16
N ASP A 14 6.23 15.43 1.58
CA ASP A 14 6.44 14.20 0.82
C ASP A 14 5.42 14.01 -0.32
N LEU A 15 4.29 14.74 -0.31
N LEU A 15 4.31 14.71 -0.34
CA LEU A 15 3.13 14.55 -1.25
CA LEU A 15 3.25 14.31 -1.24
C LEU A 15 3.54 14.49 -2.67
C LEU A 15 3.55 14.46 -2.68
N GLU A 16 4.27 15.51 -3.10
CA GLU A 16 4.62 15.58 -4.52
CA GLU A 16 4.59 15.55 -4.51
C GLU A 16 5.46 14.38 -4.92
N THR A 17 6.45 13.97 -4.11
CA THR A 17 7.26 12.82 -4.41
C THR A 17 6.42 11.58 -4.56
N VAL A 18 5.60 11.29 -3.53
CA VAL A 18 4.80 10.09 -3.53
C VAL A 18 3.81 10.05 -4.69
N ALA A 19 3.21 11.20 -4.97
CA ALA A 19 2.24 11.27 -6.07
C ALA A 19 2.90 11.04 -7.47
N GLY A 20 4.23 11.14 -7.51
CA GLY A 20 4.99 10.80 -8.68
C GLY A 20 5.24 9.35 -8.86
N PHE A 21 4.91 8.49 -7.87
CA PHE A 21 5.31 7.10 -7.96
C PHE A 21 4.55 6.30 -9.03
N PRO A 22 3.22 6.41 -9.11
CA PRO A 22 2.51 5.59 -10.14
C PRO A 22 2.90 6.06 -11.56
N GLN A 23 3.33 5.14 -12.38
CA GLN A 23 3.92 5.47 -13.70
C GLN A 23 2.95 5.34 -14.82
N ASP A 24 1.83 4.72 -14.62
CA ASP A 24 0.81 4.57 -15.62
C ASP A 24 -0.53 4.29 -15.02
N ARG A 25 -1.56 4.23 -15.78
CA ARG A 25 -2.91 4.05 -15.28
C ARG A 25 -3.08 2.71 -14.57
N ASP A 26 -2.39 1.68 -14.98
CA ASP A 26 -2.46 0.40 -14.34
C ASP A 26 -1.87 0.51 -12.98
N GLU A 27 -0.69 1.05 -12.81
CA GLU A 27 -0.07 1.21 -11.53
C GLU A 27 -0.97 2.00 -10.60
N LEU A 28 -1.58 3.07 -11.03
CA LEU A 28 -2.44 3.90 -10.19
C LEU A 28 -3.63 3.04 -9.77
N PHE A 29 -4.24 2.33 -10.68
CA PHE A 29 -5.38 1.49 -10.39
C PHE A 29 -5.07 0.41 -9.35
N TYR A 30 -3.88 -0.19 -9.42
CA TYR A 30 -3.52 -1.28 -8.51
C TYR A 30 -3.37 -0.76 -7.13
N CYS A 31 -2.98 0.47 -6.89
CA CYS A 31 -2.75 1.02 -5.55
C CYS A 31 -3.81 1.96 -5.05
N TYR A 32 -4.74 2.37 -5.88
CA TYR A 32 -5.71 3.37 -5.54
CA TYR A 32 -5.75 3.36 -5.54
C TYR A 32 -6.82 3.34 -6.58
N PRO A 33 -7.66 2.31 -6.59
CA PRO A 33 -8.56 2.13 -7.75
C PRO A 33 -9.62 3.19 -7.93
N LYS A 34 -9.93 4.00 -6.93
CA LYS A 34 -10.89 5.11 -7.04
C LYS A 34 -10.25 6.37 -7.63
N ALA A 35 -8.93 6.44 -7.66
CA ALA A 35 -8.24 7.61 -8.23
C ALA A 35 -8.46 7.69 -9.71
N ILE A 36 -8.30 8.93 -10.20
CA ILE A 36 -8.41 9.23 -11.63
C ILE A 36 -7.05 9.68 -12.15
N TRP A 37 -6.69 9.16 -13.30
CA TRP A 37 -5.45 9.53 -13.95
C TRP A 37 -5.65 10.85 -14.70
N PRO A 38 -4.72 11.80 -14.58
CA PRO A 38 -3.43 11.71 -13.88
C PRO A 38 -3.62 11.92 -12.37
N PHE A 39 -2.73 11.26 -11.66
CA PHE A 39 -2.73 11.38 -10.21
C PHE A 39 -2.26 12.78 -9.82
N SER A 40 -2.54 13.20 -8.62
CA SER A 40 -2.23 14.52 -8.15
C SER A 40 -2.05 14.53 -6.65
N VAL A 41 -1.41 15.55 -6.14
N VAL A 41 -1.39 15.53 -6.13
CA VAL A 41 -1.25 15.73 -4.73
CA VAL A 41 -1.23 15.70 -4.72
C VAL A 41 -2.59 15.86 -4.04
C VAL A 41 -2.57 15.89 -4.02
N ALA A 42 -3.53 16.57 -4.63
CA ALA A 42 -4.85 16.72 -4.02
C ALA A 42 -5.51 15.34 -3.86
N GLN A 43 -5.43 14.46 -4.82
CA GLN A 43 -6.04 13.13 -4.69
C GLN A 43 -5.35 12.34 -3.62
N LEU A 44 -4.04 12.44 -3.51
CA LEU A 44 -3.28 11.72 -2.48
C LEU A 44 -3.62 12.29 -1.12
N ALA A 45 -3.70 13.58 -0.96
CA ALA A 45 -4.03 14.16 0.33
C ALA A 45 -5.44 13.81 0.74
N ALA A 46 -6.36 13.70 -0.19
CA ALA A 46 -7.74 13.32 0.15
C ALA A 46 -7.77 11.92 0.68
N ALA A 47 -7.00 11.01 0.08
CA ALA A 47 -6.90 9.62 0.61
C ALA A 47 -6.33 9.66 1.98
N ILE A 48 -5.25 10.35 2.21
CA ILE A 48 -4.61 10.43 3.50
C ILE A 48 -5.57 10.90 4.56
N ALA A 49 -6.39 11.87 4.27
CA ALA A 49 -7.30 12.46 5.23
C ALA A 49 -8.39 11.47 5.62
N GLU A 50 -8.79 10.56 4.76
CA GLU A 50 -9.81 9.59 5.15
C GLU A 50 -9.31 8.22 5.52
N ARG A 51 -8.02 8.09 5.62
CA ARG A 51 -7.35 6.84 5.95
C ARG A 51 -6.56 7.00 7.26
N ARG A 52 -5.83 5.97 7.65
CA ARG A 52 -4.98 6.02 8.81
C ARG A 52 -3.62 5.48 8.56
N GLY A 53 -2.65 5.90 9.31
CA GLY A 53 -1.34 5.30 9.33
C GLY A 53 -0.51 5.56 8.08
N SER A 54 -0.67 6.72 7.43
CA SER A 54 0.10 7.02 6.23
C SER A 54 1.57 7.17 6.62
N THR A 55 2.44 6.35 6.01
CA THR A 55 3.81 6.16 6.40
C THR A 55 4.69 6.15 5.16
N VAL A 56 5.87 6.74 5.28
CA VAL A 56 6.87 6.68 4.22
C VAL A 56 8.08 5.85 4.67
N ALA A 57 8.72 5.23 3.70
CA ALA A 57 10.02 4.60 3.83
C ALA A 57 11.08 5.45 3.14
N VAL A 58 12.20 5.60 3.80
CA VAL A 58 13.29 6.47 3.39
C VAL A 58 14.61 5.71 3.30
N HIS A 59 15.41 5.96 2.25
CA HIS A 59 16.73 5.38 2.11
C HIS A 59 17.59 6.44 1.46
N ASP A 60 18.78 6.66 2.03
CA ASP A 60 19.77 7.62 1.48
C ASP A 60 19.13 8.97 1.22
N GLY A 61 18.29 9.38 2.16
CA GLY A 61 17.63 10.66 2.05
C GLY A 61 16.53 10.81 1.06
N GLN A 62 16.03 9.70 0.54
N GLN A 62 16.05 9.70 0.50
CA GLN A 62 14.99 9.72 -0.46
CA GLN A 62 14.99 9.72 -0.49
C GLN A 62 13.76 8.97 0.05
C GLN A 62 13.77 8.99 0.05
N VAL A 63 12.58 9.56 -0.11
CA VAL A 63 11.35 8.84 0.12
C VAL A 63 11.16 7.87 -1.01
N LEU A 64 11.11 6.57 -0.71
CA LEU A 64 11.04 5.50 -1.69
C LEU A 64 9.76 4.71 -1.66
N GLY A 65 8.98 4.81 -0.57
CA GLY A 65 7.76 4.04 -0.45
C GLY A 65 6.75 4.74 0.44
N PHE A 66 5.49 4.34 0.23
CA PHE A 66 4.36 4.88 0.96
C PHE A 66 3.31 3.79 1.11
N ALA A 67 2.59 3.83 2.25
CA ALA A 67 1.45 2.94 2.47
C ALA A 67 0.55 3.52 3.56
N ASN A 68 -0.68 3.02 3.61
CA ASN A 68 -1.59 3.37 4.71
C ASN A 68 -2.60 2.24 4.91
N PHE A 69 -3.54 2.49 5.84
CA PHE A 69 -4.66 1.62 6.02
C PHE A 69 -5.95 2.24 5.53
N TYR A 70 -6.73 1.51 4.73
CA TYR A 70 -8.07 2.01 4.35
C TYR A 70 -9.22 1.36 5.10
N GLN A 71 -8.92 0.28 5.88
CA GLN A 71 -9.87 -0.22 6.90
C GLN A 71 -9.02 -0.46 8.12
N TRP A 72 -9.67 -0.24 9.27
CA TRP A 72 -9.03 -0.47 10.57
C TRP A 72 -10.17 -0.74 11.53
N GLN A 73 -10.00 -1.83 12.30
CA GLN A 73 -11.01 -2.25 13.29
C GLN A 73 -10.26 -2.75 14.50
N HIS A 74 -10.30 -1.95 15.57
CA HIS A 74 -9.52 -2.21 16.74
C HIS A 74 -9.81 -3.62 17.32
N GLY A 75 -8.72 -4.33 17.61
CA GLY A 75 -8.84 -5.68 18.14
C GLY A 75 -9.11 -6.74 17.09
N ASP A 76 -9.12 -6.37 15.79
CA ASP A 76 -9.63 -7.22 14.75
C ASP A 76 -8.61 -7.31 13.60
N PHE A 77 -8.65 -6.29 12.71
CA PHE A 77 -7.81 -6.30 11.52
C PHE A 77 -7.59 -4.89 11.04
N CYS A 78 -6.56 -4.76 10.19
CA CYS A 78 -6.41 -3.58 9.30
C CYS A 78 -6.29 -4.11 7.88
N ALA A 79 -6.59 -3.22 6.90
CA ALA A 79 -6.46 -3.50 5.46
C ALA A 79 -5.47 -2.47 4.89
N LEU A 80 -4.42 -2.96 4.31
CA LEU A 80 -3.36 -2.15 3.68
CA LEU A 80 -3.35 -2.15 3.73
C LEU A 80 -3.77 -1.60 2.36
N GLY A 81 -3.43 -0.35 2.11
CA GLY A 81 -3.68 0.22 0.79
C GLY A 81 -2.66 1.26 0.45
N ASN A 82 -2.87 1.81 -0.77
CA ASN A 82 -2.00 2.86 -1.32
C ASN A 82 -0.54 2.48 -1.24
N MET A 83 -0.19 1.21 -1.48
CA MET A 83 1.19 0.76 -1.43
CA MET A 83 1.20 0.82 -1.43
C MET A 83 1.89 1.21 -2.72
N MET A 84 2.84 2.13 -2.58
CA MET A 84 3.51 2.70 -3.75
C MET A 84 4.98 2.72 -3.51
N VAL A 85 5.76 2.53 -4.57
CA VAL A 85 7.21 2.48 -4.49
C VAL A 85 7.79 3.33 -5.63
N ALA A 86 8.82 4.10 -5.34
CA ALA A 86 9.49 4.91 -6.36
C ALA A 86 9.94 4.02 -7.52
N PRO A 87 9.83 4.53 -8.76
CA PRO A 87 10.17 3.70 -9.91
C PRO A 87 11.66 3.29 -10.00
N ALA A 88 12.56 4.08 -9.43
CA ALA A 88 13.99 3.71 -9.44
C ALA A 88 14.35 2.71 -8.34
N ALA A 89 13.41 2.42 -7.45
CA ALA A 89 13.65 1.58 -6.32
C ALA A 89 12.77 0.34 -6.30
N ARG A 90 12.27 -0.10 -7.45
CA ARG A 90 11.45 -1.29 -7.50
C ARG A 90 12.31 -2.55 -7.34
N GLY A 91 11.78 -3.51 -6.59
CA GLY A 91 12.40 -4.81 -6.45
C GLY A 91 13.54 -4.84 -5.46
N LEU A 92 13.71 -3.77 -4.66
CA LEU A 92 14.80 -3.60 -3.73
C LEU A 92 14.41 -3.83 -2.28
N GLY A 93 13.19 -4.30 -2.05
CA GLY A 93 12.74 -4.60 -0.69
C GLY A 93 12.00 -3.47 -0.01
N VAL A 94 11.69 -2.38 -0.69
CA VAL A 94 10.98 -1.27 -0.05
C VAL A 94 9.57 -1.66 0.35
N ALA A 95 8.81 -2.29 -0.51
CA ALA A 95 7.45 -2.70 -0.12
C ALA A 95 7.48 -3.76 0.97
N ARG A 96 8.37 -4.73 0.91
CA ARG A 96 8.48 -5.74 1.94
CA ARG A 96 8.53 -5.72 1.95
C ARG A 96 8.79 -5.04 3.29
N TYR A 97 9.71 -4.10 3.31
CA TYR A 97 10.03 -3.34 4.48
C TYR A 97 8.83 -2.62 5.04
N LEU A 98 8.14 -1.89 4.19
N LEU A 98 8.14 -1.87 4.20
CA LEU A 98 7.06 -1.09 4.66
CA LEU A 98 7.01 -1.09 4.67
C LEU A 98 5.89 -1.96 5.13
C LEU A 98 5.87 -1.97 5.14
N ILE A 99 5.61 -3.06 4.45
CA ILE A 99 4.61 -3.99 4.92
C ILE A 99 4.92 -4.48 6.32
N GLY A 100 6.17 -4.79 6.60
CA GLY A 100 6.51 -5.20 7.97
C GLY A 100 6.28 -4.10 8.97
N VAL A 101 6.63 -2.85 8.62
CA VAL A 101 6.33 -1.72 9.48
C VAL A 101 4.84 -1.57 9.72
N MET A 102 4.02 -1.74 8.70
CA MET A 102 2.61 -1.57 8.82
C MET A 102 1.99 -2.72 9.66
N GLU A 103 2.50 -3.93 9.50
CA GLU A 103 2.09 -5.06 10.34
C GLU A 103 2.36 -4.71 11.82
N ASN A 104 3.56 -4.21 12.17
CA ASN A 104 3.79 -3.79 13.52
C ASN A 104 2.84 -2.73 13.95
N LEU A 105 2.58 -1.71 13.12
CA LEU A 105 1.67 -0.67 13.52
C LEU A 105 0.23 -1.24 13.77
N ALA A 106 -0.23 -2.15 12.91
CA ALA A 106 -1.55 -2.74 13.08
C ALA A 106 -1.60 -3.50 14.43
N ARG A 107 -0.58 -4.27 14.71
CA ARG A 107 -0.50 -5.03 16.00
CA ARG A 107 -0.61 -5.04 15.93
C ARG A 107 -0.50 -4.11 17.16
N GLU A 108 0.36 -3.10 17.12
CA GLU A 108 0.67 -2.29 18.29
C GLU A 108 -0.41 -1.25 18.56
N GLN A 109 -0.81 -0.50 17.54
CA GLN A 109 -1.79 0.52 17.68
C GLN A 109 -3.23 0.02 17.66
N TYR A 110 -3.54 -0.90 16.77
CA TYR A 110 -4.92 -1.32 16.56
C TYR A 110 -5.22 -2.67 17.21
N LYS A 111 -4.21 -3.28 17.77
CA LYS A 111 -4.35 -4.60 18.43
C LYS A 111 -4.94 -5.60 17.44
N ALA A 112 -4.57 -5.45 16.15
CA ALA A 112 -5.06 -6.33 15.12
C ALA A 112 -4.48 -7.73 15.27
N ARG A 113 -5.32 -8.72 14.98
CA ARG A 113 -4.90 -10.11 14.85
C ARG A 113 -4.75 -10.58 13.40
N LEU A 114 -5.05 -9.69 12.45
CA LEU A 114 -5.01 -10.06 11.06
C LEU A 114 -4.72 -8.78 10.25
N MET A 115 -3.92 -8.96 9.18
CA MET A 115 -3.77 -7.94 8.11
C MET A 115 -4.44 -8.46 6.87
N LYS A 116 -5.30 -7.64 6.28
CA LYS A 116 -5.87 -7.90 4.95
C LYS A 116 -5.12 -7.10 3.86
N ILE A 117 -4.80 -7.79 2.75
CA ILE A 117 -4.27 -7.14 1.54
C ILE A 117 -5.09 -7.67 0.43
N SER A 118 -5.70 -6.76 -0.34
CA SER A 118 -6.35 -7.08 -1.58
C SER A 118 -5.50 -6.61 -2.78
N CYS A 119 -5.42 -7.45 -3.77
CA CYS A 119 -4.53 -7.18 -4.92
C CYS A 119 -5.25 -7.52 -6.17
N PHE A 120 -5.18 -6.61 -7.16
CA PHE A 120 -5.80 -6.88 -8.45
C PHE A 120 -5.03 -7.96 -9.23
N ASN A 121 -5.79 -8.76 -9.98
CA ASN A 121 -5.25 -9.95 -10.61
C ASN A 121 -4.06 -9.67 -11.52
N ALA A 122 -4.02 -8.50 -12.21
CA ALA A 122 -2.95 -8.25 -13.14
C ALA A 122 -1.64 -7.98 -12.48
N ASN A 123 -1.65 -7.68 -11.18
CA ASN A 123 -0.46 -7.29 -10.45
C ASN A 123 0.27 -8.53 -9.93
N ALA A 124 0.91 -9.26 -10.80
CA ALA A 124 1.62 -10.48 -10.44
C ALA A 124 2.70 -10.23 -9.43
N ALA A 125 3.42 -9.12 -9.55
CA ALA A 125 4.51 -8.84 -8.63
C ALA A 125 3.96 -8.72 -7.21
N GLY A 126 2.85 -8.05 -7.07
CA GLY A 126 2.20 -7.93 -5.77
C GLY A 126 1.75 -9.26 -5.23
N LEU A 127 1.05 -10.05 -6.06
CA LEU A 127 0.58 -11.35 -5.57
C LEU A 127 1.70 -12.19 -5.09
N LEU A 128 2.82 -12.23 -5.79
CA LEU A 128 3.99 -13.02 -5.42
C LEU A 128 4.67 -12.48 -4.16
N LEU A 129 4.78 -11.17 -4.02
CA LEU A 129 5.33 -10.59 -2.81
C LEU A 129 4.50 -10.93 -1.58
N TYR A 130 3.22 -10.72 -1.66
CA TYR A 130 2.39 -10.95 -0.51
C TYR A 130 2.45 -12.42 -0.16
N THR A 131 2.50 -13.32 -1.12
CA THR A 131 2.63 -14.73 -0.86
C THR A 131 3.94 -15.00 -0.13
N GLN A 132 5.03 -14.43 -0.57
CA GLN A 132 6.33 -14.59 0.12
C GLN A 132 6.27 -14.13 1.56
N LEU A 133 5.48 -13.10 1.83
CA LEU A 133 5.36 -12.55 3.17
C LEU A 133 4.37 -13.28 4.05
N GLY A 134 3.79 -14.35 3.53
CA GLY A 134 2.91 -15.18 4.35
C GLY A 134 1.42 -14.95 4.24
N TYR A 135 0.99 -14.09 3.30
CA TYR A 135 -0.38 -13.85 3.02
C TYR A 135 -0.95 -14.98 2.19
N GLN A 136 -2.22 -15.32 2.47
N GLN A 136 -2.17 -15.42 2.48
CA GLN A 136 -2.97 -16.41 1.84
CA GLN A 136 -2.81 -16.48 1.71
C GLN A 136 -4.20 -15.86 1.15
C GLN A 136 -4.08 -15.92 1.14
N PRO A 137 -4.49 -16.41 -0.05
CA PRO A 137 -5.71 -15.93 -0.69
C PRO A 137 -6.93 -16.51 0.01
N ARG A 138 -7.95 -15.72 0.17
CA ARG A 138 -9.18 -16.13 0.84
C ARG A 138 -10.40 -16.08 -0.04
N ALA A 139 -10.46 -15.07 -0.92
CA ALA A 139 -11.63 -14.88 -1.78
C ALA A 139 -11.21 -14.08 -3.03
N ILE A 140 -12.05 -14.14 -4.01
CA ILE A 140 -11.91 -13.35 -5.25
C ILE A 140 -13.21 -12.63 -5.48
N ALA A 141 -13.12 -11.31 -5.68
CA ALA A 141 -14.28 -10.48 -5.93
C ALA A 141 -14.17 -9.81 -7.29
N GLU A 142 -15.30 -9.59 -7.92
CA GLU A 142 -15.32 -8.87 -9.17
C GLU A 142 -15.25 -7.38 -8.91
N ARG A 143 -14.44 -6.70 -9.71
CA ARG A 143 -14.44 -5.24 -9.76
C ARG A 143 -14.37 -4.85 -11.25
N HIS A 144 -14.48 -3.56 -11.51
CA HIS A 144 -14.39 -3.03 -12.85
C HIS A 144 -13.31 -1.96 -12.88
N ASP A 145 -12.56 -1.97 -13.96
CA ASP A 145 -11.48 -1.01 -14.19
C ASP A 145 -12.07 0.20 -14.88
N PRO A 146 -11.24 1.24 -15.12
CA PRO A 146 -11.78 2.48 -15.67
C PRO A 146 -12.34 2.37 -17.08
N ASP A 147 -11.99 1.33 -17.80
CA ASP A 147 -12.55 1.04 -19.13
C ASP A 147 -13.81 0.21 -19.05
N GLY A 148 -14.31 -0.03 -17.82
CA GLY A 148 -15.51 -0.86 -17.66
C GLY A 148 -15.26 -2.34 -17.83
N ARG A 149 -14.01 -2.77 -17.84
CA ARG A 149 -13.67 -4.20 -18.00
C ARG A 149 -13.62 -4.89 -16.62
N ARG A 150 -14.06 -6.13 -16.59
CA ARG A 150 -14.09 -6.91 -15.37
C ARG A 150 -12.69 -7.35 -14.99
N VAL A 151 -12.34 -7.11 -13.73
CA VAL A 151 -11.09 -7.58 -13.15
C VAL A 151 -11.41 -8.37 -11.86
N ALA A 152 -10.41 -9.09 -11.41
CA ALA A 152 -10.59 -9.92 -10.22
C ALA A 152 -9.73 -9.34 -9.11
N LEU A 153 -10.34 -9.05 -7.97
CA LEU A 153 -9.64 -8.56 -6.80
C LEU A 153 -9.39 -9.76 -5.88
N ILE A 154 -8.14 -10.08 -5.63
N ILE A 154 -8.13 -10.11 -5.68
CA ILE A 154 -7.81 -11.24 -4.85
CA ILE A 154 -7.73 -11.26 -4.86
C ILE A 154 -7.56 -10.79 -3.44
C ILE A 154 -7.59 -10.75 -3.44
N GLN A 155 -8.44 -11.26 -2.54
CA GLN A 155 -8.50 -10.81 -1.15
C GLN A 155 -7.68 -11.77 -0.31
N MET A 156 -6.57 -11.30 0.24
CA MET A 156 -5.64 -12.09 1.01
C MET A 156 -5.55 -11.62 2.44
N ASP A 157 -5.04 -12.51 3.33
CA ASP A 157 -4.85 -12.09 4.71
C ASP A 157 -3.69 -12.89 5.33
N LYS A 158 -3.32 -12.44 6.54
CA LYS A 158 -2.21 -13.03 7.27
C LYS A 158 -2.42 -12.77 8.74
N PRO A 159 -2.25 -13.80 9.62
CA PRO A 159 -2.29 -13.57 11.06
CA PRO A 159 -2.29 -13.56 11.06
C PRO A 159 -1.07 -12.77 11.52
N LEU A 160 -1.27 -11.87 12.50
CA LEU A 160 -0.15 -11.04 12.97
C LEU A 160 0.49 -11.47 14.29
N GLU A 161 1.82 -11.35 14.40
CA GLU A 161 2.55 -11.52 15.70
C GLU A 161 4.05 -11.15 15.58
#